data_7KJU
#
_entry.id   7KJU
#
_cell.length_a   100.493
_cell.length_b   168.527
_cell.length_c   68.968
_cell.angle_alpha   90.00
_cell.angle_beta   90.00
_cell.angle_gamma   90.00
#
_symmetry.space_group_name_H-M   'C 2 2 2'
#
_entity_poly.entity_id   1
_entity_poly.type   'polyribonucleotide'
_entity_poly.pdbx_seq_one_letter_code
;GGGCCCGUAGCUCAGUCUGGCAGAGCGCCUGGCUUUUAACCAGGUGGUCGAGGGUUCAAAUCCCUUCGGGCCCGCCA
;
_entity_poly.pdbx_strand_id   A
#
loop_
_chem_comp.id
_chem_comp.type
_chem_comp.name
_chem_comp.formula
A RNA linking ADENOSINE-5'-MONOPHOSPHATE 'C10 H14 N5 O7 P'
C RNA linking CYTIDINE-5'-MONOPHOSPHATE 'C9 H14 N3 O8 P'
G RNA linking GUANOSINE-5'-MONOPHOSPHATE 'C10 H14 N5 O8 P'
U RNA linking URIDINE-5'-MONOPHOSPHATE 'C9 H13 N2 O9 P'
#